data_1YOC
#
_entry.id   1YOC
#
_cell.length_a   88.162
_cell.length_b   113.399
_cell.length_c   58.838
_cell.angle_alpha   90.00
_cell.angle_beta   90.00
_cell.angle_gamma   90.00
#
_symmetry.space_group_name_H-M   'C 2 2 21'
#
loop_
_entity.id
_entity.type
_entity.pdbx_description
1 polymer 'hypothetical protein PA1835'
2 non-polymer GLYCEROL
3 water water
#
_entity_poly.entity_id   1
_entity_poly.type   'polypeptide(L)'
_entity_poly.pdbx_seq_one_letter_code
;AFMSQMMQMYQQVGPAQFSAMIGQFAPYFASIAPQFVELRPGYAEVTFPKRREVLNHIGTVHAIALCNAAELAAGTMTDA
SIPAGHRWIPRGMTVEYLAKATGDVRAVADGSQIDWQATGNLVVPVVAYVDDKPVFRAEITMYVSQA
;
_entity_poly.pdbx_strand_id   A,B
#
loop_
_chem_comp.id
_chem_comp.type
_chem_comp.name
_chem_comp.formula
GOL non-polymer GLYCEROL 'C3 H8 O3'
#
# COMPACT_ATOMS: atom_id res chain seq x y z
N MET A 3 -1.55 -29.52 -4.12
CA MET A 3 -0.24 -29.91 -4.74
C MET A 3 0.80 -28.87 -4.40
N SER A 4 0.48 -27.60 -4.64
CA SER A 4 1.41 -26.51 -4.34
C SER A 4 1.78 -26.48 -2.85
N GLN A 5 3.00 -26.01 -2.57
CA GLN A 5 3.44 -25.94 -1.18
C GLN A 5 2.52 -25.04 -0.37
N MET A 6 2.21 -23.85 -0.90
CA MET A 6 1.33 -22.98 -0.14
C MET A 6 -0.06 -23.61 0.01
N MET A 7 -0.57 -24.25 -1.05
CA MET A 7 -1.86 -24.93 -0.95
C MET A 7 -1.79 -26.04 0.10
N GLN A 8 -0.69 -26.79 0.13
CA GLN A 8 -0.54 -27.88 1.12
C GLN A 8 -0.73 -27.25 2.50
N MET A 9 -0.01 -26.16 2.72
CA MET A 9 -0.07 -25.46 3.99
C MET A 9 -1.51 -24.98 4.28
N TYR A 10 -2.13 -24.29 3.32
CA TYR A 10 -3.50 -23.80 3.49
C TYR A 10 -4.45 -24.98 3.81
N GLN A 11 -4.32 -26.07 3.06
CA GLN A 11 -5.17 -27.24 3.28
C GLN A 11 -5.04 -27.83 4.69
N GLN A 12 -3.82 -27.87 5.18
CA GLN A 12 -3.55 -28.41 6.50
C GLN A 12 -4.11 -27.63 7.66
N VAL A 13 -3.86 -26.32 7.67
CA VAL A 13 -4.28 -25.55 8.82
C VAL A 13 -5.62 -24.85 8.74
N GLY A 14 -6.16 -24.69 7.54
CA GLY A 14 -7.45 -24.04 7.43
C GLY A 14 -7.25 -22.54 7.33
N PRO A 15 -8.23 -21.81 6.80
CA PRO A 15 -8.09 -20.35 6.65
C PRO A 15 -7.74 -19.48 7.86
N ALA A 16 -8.38 -19.71 9.01
CA ALA A 16 -8.10 -18.88 10.17
C ALA A 16 -6.62 -18.98 10.61
N GLN A 17 -6.11 -20.20 10.65
CA GLN A 17 -4.73 -20.39 11.09
C GLN A 17 -3.72 -19.90 10.05
N PHE A 18 -4.06 -20.12 8.79
CA PHE A 18 -3.21 -19.69 7.68
C PHE A 18 -3.10 -18.14 7.74
N SER A 19 -4.19 -17.48 8.11
CA SER A 19 -4.21 -16.02 8.22
C SER A 19 -3.20 -15.59 9.29
N ALA A 20 -3.17 -16.30 10.42
CA ALA A 20 -2.22 -15.94 11.47
C ALA A 20 -0.79 -16.22 11.00
N MET A 21 -0.62 -17.29 10.23
CA MET A 21 0.73 -17.62 9.76
C MET A 21 1.29 -16.60 8.77
N ILE A 22 0.47 -16.20 7.79
CA ILE A 22 1.00 -15.25 6.79
C ILE A 22 1.40 -13.95 7.48
N GLY A 23 0.65 -13.56 8.52
CA GLY A 23 0.98 -12.35 9.25
C GLY A 23 2.29 -12.48 10.02
N GLN A 24 2.67 -13.73 10.26
CA GLN A 24 3.91 -14.06 10.94
C GLN A 24 5.03 -14.04 9.90
N PHE A 25 4.79 -14.68 8.76
CA PHE A 25 5.76 -14.76 7.68
C PHE A 25 6.16 -13.42 7.04
N ALA A 26 5.17 -12.54 6.86
CA ALA A 26 5.38 -11.20 6.23
C ALA A 26 4.64 -10.30 7.19
N PRO A 27 5.33 -9.87 8.28
CA PRO A 27 4.71 -9.04 9.31
C PRO A 27 3.88 -7.84 8.93
N TYR A 28 4.26 -7.15 7.86
CA TYR A 28 3.49 -5.96 7.52
C TYR A 28 2.05 -6.31 7.19
N PHE A 29 1.77 -7.54 6.76
CA PHE A 29 0.36 -7.89 6.50
C PHE A 29 -0.46 -7.95 7.79
N ALA A 30 0.20 -8.24 8.92
CA ALA A 30 -0.58 -8.28 10.16
C ALA A 30 -1.16 -6.93 10.54
N SER A 31 -0.63 -5.83 9.97
CA SER A 31 -1.14 -4.49 10.30
C SER A 31 -2.62 -4.35 9.93
N ILE A 32 -3.12 -5.19 9.03
CA ILE A 32 -4.55 -5.09 8.71
C ILE A 32 -5.41 -6.20 9.29
N ALA A 33 -4.82 -7.11 10.07
CA ALA A 33 -5.62 -8.21 10.68
C ALA A 33 -6.46 -8.94 9.63
N PRO A 34 -5.80 -9.42 8.57
CA PRO A 34 -6.52 -10.10 7.51
C PRO A 34 -7.07 -11.47 7.87
N GLN A 35 -8.16 -11.85 7.20
CA GLN A 35 -8.75 -13.18 7.38
C GLN A 35 -9.03 -13.81 6.01
N PHE A 36 -8.35 -14.90 5.70
CA PHE A 36 -8.67 -15.55 4.46
C PHE A 36 -10.05 -16.15 4.51
N VAL A 37 -10.75 -16.06 3.38
CA VAL A 37 -12.08 -16.64 3.23
C VAL A 37 -11.86 -17.87 2.34
N GLU A 38 -11.09 -17.70 1.26
CA GLU A 38 -10.80 -18.82 0.35
C GLU A 38 -9.50 -18.63 -0.40
N LEU A 39 -8.81 -19.75 -0.65
CA LEU A 39 -7.58 -19.71 -1.42
C LEU A 39 -7.52 -21.01 -2.19
N ARG A 40 -7.36 -20.93 -3.51
CA ARG A 40 -7.25 -22.14 -4.31
C ARG A 40 -6.56 -21.68 -5.57
N PRO A 41 -6.09 -22.62 -6.39
CA PRO A 41 -5.43 -22.20 -7.62
C PRO A 41 -6.39 -21.28 -8.40
N GLY A 42 -5.89 -20.09 -8.77
CA GLY A 42 -6.70 -19.14 -9.52
C GLY A 42 -7.68 -18.25 -8.75
N TYR A 43 -7.66 -18.28 -7.43
CA TYR A 43 -8.61 -17.42 -6.73
C TYR A 43 -8.20 -17.22 -5.27
N ALA A 44 -8.20 -15.98 -4.81
CA ALA A 44 -7.93 -15.73 -3.40
C ALA A 44 -8.94 -14.69 -2.93
N GLU A 45 -9.51 -14.90 -1.75
CA GLU A 45 -10.46 -13.96 -1.20
C GLU A 45 -10.07 -13.75 0.28
N VAL A 46 -9.92 -12.49 0.67
CA VAL A 46 -9.52 -12.12 2.03
C VAL A 46 -10.33 -10.91 2.50
N THR A 47 -10.70 -10.90 3.75
CA THR A 47 -11.41 -9.76 4.30
C THR A 47 -10.52 -9.18 5.37
N PHE A 48 -10.79 -7.93 5.74
CA PHE A 48 -10.11 -7.35 6.89
C PHE A 48 -11.13 -6.36 7.47
N PRO A 49 -11.14 -6.26 8.79
CA PRO A 49 -12.09 -5.36 9.47
C PRO A 49 -11.80 -3.89 9.48
N LYS A 50 -12.88 -3.13 9.40
CA LYS A 50 -12.73 -1.70 9.54
C LYS A 50 -12.58 -1.51 11.08
N ARG A 51 -11.51 -0.84 11.47
CA ARG A 51 -11.25 -0.63 12.91
C ARG A 51 -10.32 0.56 13.00
N ARG A 52 -10.17 1.10 14.22
CA ARG A 52 -9.34 2.26 14.45
C ARG A 52 -7.96 2.20 13.74
N GLU A 53 -7.25 1.09 13.95
CA GLU A 53 -5.90 0.90 13.38
C GLU A 53 -5.73 1.11 11.87
N VAL A 54 -6.79 0.91 11.08
CA VAL A 54 -6.67 1.06 9.63
C VAL A 54 -7.36 2.25 9.02
N LEU A 55 -7.68 3.20 9.87
CA LEU A 55 -8.34 4.42 9.40
C LEU A 55 -7.40 5.47 8.85
N ASN A 56 -7.95 6.35 8.00
CA ASN A 56 -7.16 7.47 7.48
C ASN A 56 -7.59 8.71 8.25
N HIS A 57 -7.15 9.90 7.83
CA HIS A 57 -7.48 11.12 8.59
C HIS A 57 -8.94 11.55 8.42
N ILE A 58 -9.68 10.90 7.53
CA ILE A 58 -11.09 11.24 7.42
C ILE A 58 -11.98 10.13 7.97
N GLY A 59 -11.40 9.17 8.70
CA GLY A 59 -12.19 8.12 9.31
C GLY A 59 -12.69 6.96 8.45
N THR A 60 -12.24 6.88 7.19
CA THR A 60 -12.63 5.74 6.36
C THR A 60 -11.43 4.77 6.30
N VAL A 61 -11.59 3.60 5.65
CA VAL A 61 -10.46 2.65 5.63
C VAL A 61 -9.36 3.21 4.73
N HIS A 62 -8.17 3.30 5.31
CA HIS A 62 -7.01 3.86 4.58
C HIS A 62 -6.71 3.15 3.24
N ALA A 63 -6.53 3.97 2.19
CA ALA A 63 -6.22 3.50 0.85
C ALA A 63 -5.07 2.47 0.81
N ILE A 64 -4.08 2.63 1.69
CA ILE A 64 -2.93 1.76 1.63
C ILE A 64 -3.22 0.45 2.36
N ALA A 65 -4.19 0.48 3.29
CA ALA A 65 -4.62 -0.77 3.93
C ALA A 65 -5.30 -1.61 2.80
N LEU A 66 -6.01 -0.95 1.89
CA LEU A 66 -6.63 -1.68 0.78
C LEU A 66 -5.54 -2.26 -0.12
N CYS A 67 -4.51 -1.47 -0.35
CA CYS A 67 -3.43 -1.97 -1.21
C CYS A 67 -2.75 -3.20 -0.55
N ASN A 68 -2.63 -3.17 0.77
CA ASN A 68 -1.99 -4.26 1.51
C ASN A 68 -2.81 -5.53 1.31
N ALA A 69 -4.14 -5.41 1.39
CA ALA A 69 -5.04 -6.56 1.20
C ALA A 69 -4.89 -7.07 -0.22
N ALA A 70 -4.75 -6.15 -1.19
CA ALA A 70 -4.60 -6.58 -2.57
C ALA A 70 -3.30 -7.37 -2.79
N GLU A 71 -2.23 -6.86 -2.20
CA GLU A 71 -0.92 -7.51 -2.31
C GLU A 71 -0.98 -8.94 -1.73
N LEU A 72 -1.63 -9.05 -0.57
CA LEU A 72 -1.78 -10.31 0.15
C LEU A 72 -2.58 -11.30 -0.71
N ALA A 73 -3.71 -10.85 -1.26
CA ALA A 73 -4.51 -11.77 -2.06
C ALA A 73 -3.82 -12.16 -3.38
N ALA A 74 -3.28 -11.18 -4.09
CA ALA A 74 -2.62 -11.48 -5.34
C ALA A 74 -1.37 -12.36 -5.13
N GLY A 75 -0.57 -12.05 -4.10
CA GLY A 75 0.64 -12.80 -3.85
C GLY A 75 0.41 -14.24 -3.47
N THR A 76 -0.52 -14.44 -2.55
CA THR A 76 -0.82 -15.79 -2.12
C THR A 76 -1.47 -16.58 -3.26
N MET A 77 -2.34 -15.94 -4.03
CA MET A 77 -2.94 -16.67 -5.15
C MET A 77 -1.84 -17.09 -6.15
N THR A 78 -0.91 -16.18 -6.43
CA THR A 78 0.17 -16.49 -7.36
C THR A 78 1.02 -17.64 -6.82
N ASP A 79 1.43 -17.55 -5.57
CA ASP A 79 2.28 -18.60 -5.04
C ASP A 79 1.56 -19.94 -5.05
N ALA A 80 0.25 -19.90 -4.80
CA ALA A 80 -0.53 -21.13 -4.75
C ALA A 80 -0.88 -21.73 -6.12
N SER A 81 -0.78 -20.91 -7.17
CA SER A 81 -1.22 -21.32 -8.49
C SER A 81 -0.19 -21.70 -9.52
N ILE A 82 1.01 -21.16 -9.42
CA ILE A 82 2.02 -21.50 -10.39
C ILE A 82 2.65 -22.85 -10.05
N PRO A 83 3.20 -23.54 -11.05
CA PRO A 83 3.85 -24.84 -10.83
C PRO A 83 5.00 -24.75 -9.80
N ALA A 84 5.28 -25.86 -9.11
CA ALA A 84 6.36 -25.90 -8.11
C ALA A 84 7.74 -25.46 -8.63
N GLY A 85 8.06 -25.79 -9.88
CA GLY A 85 9.37 -25.41 -10.42
C GLY A 85 9.45 -23.98 -10.93
N HIS A 86 8.40 -23.18 -10.71
CA HIS A 86 8.40 -21.77 -11.18
C HIS A 86 8.53 -20.86 -9.97
N ARG A 87 8.97 -19.63 -10.20
CA ARG A 87 9.09 -18.70 -9.10
C ARG A 87 8.42 -17.40 -9.56
N TRP A 88 8.18 -16.48 -8.64
CA TRP A 88 7.53 -15.24 -9.02
C TRP A 88 8.00 -14.12 -8.17
N ILE A 89 7.86 -12.91 -8.71
CA ILE A 89 8.18 -11.71 -7.99
C ILE A 89 7.39 -10.52 -8.55
N PRO A 90 6.78 -9.68 -7.70
CA PRO A 90 6.03 -8.53 -8.23
C PRO A 90 7.01 -7.47 -8.80
N ARG A 91 6.65 -6.86 -9.92
CA ARG A 91 7.45 -5.82 -10.59
C ARG A 91 6.85 -4.44 -10.26
N GLY A 92 5.54 -4.42 -10.07
CA GLY A 92 4.91 -3.14 -9.80
C GLY A 92 3.40 -3.32 -9.71
N MET A 93 2.72 -2.21 -9.55
CA MET A 93 1.28 -2.26 -9.37
C MET A 93 0.62 -0.94 -9.74
N THR A 94 -0.60 -1.05 -10.26
CA THR A 94 -1.42 0.13 -10.57
C THR A 94 -2.76 -0.07 -9.86
N VAL A 95 -3.19 0.96 -9.14
CA VAL A 95 -4.49 0.89 -8.43
C VAL A 95 -5.32 2.13 -8.75
N GLU A 96 -6.63 1.97 -8.56
CA GLU A 96 -7.61 3.05 -8.74
C GLU A 96 -8.46 3.11 -7.45
N TYR A 97 -8.71 4.31 -6.96
CA TYR A 97 -9.53 4.48 -5.76
C TYR A 97 -10.90 4.93 -6.25
N LEU A 98 -11.89 4.03 -6.15
CA LEU A 98 -13.21 4.28 -6.71
C LEU A 98 -14.20 4.91 -5.79
N ALA A 99 -14.11 4.58 -4.51
CA ALA A 99 -15.04 5.11 -3.52
C ALA A 99 -14.43 5.00 -2.16
N LYS A 100 -14.95 5.73 -1.19
CA LYS A 100 -14.45 5.63 0.17
C LYS A 100 -14.88 4.24 0.71
N ALA A 101 -14.00 3.62 1.48
CA ALA A 101 -14.28 2.31 2.07
C ALA A 101 -14.75 2.58 3.48
N THR A 102 -16.03 2.33 3.73
CA THR A 102 -16.60 2.70 4.99
C THR A 102 -17.07 1.55 5.86
N GLY A 103 -16.54 0.37 5.63
CA GLY A 103 -16.93 -0.80 6.41
C GLY A 103 -15.91 -1.89 6.16
N ASP A 104 -16.18 -3.10 6.65
CA ASP A 104 -15.24 -4.21 6.46
C ASP A 104 -15.01 -4.42 4.98
N VAL A 105 -13.78 -4.77 4.66
CA VAL A 105 -13.40 -4.95 3.26
C VAL A 105 -13.26 -6.38 2.81
N ARG A 106 -13.66 -6.68 1.57
CA ARG A 106 -13.44 -8.03 1.03
C ARG A 106 -12.59 -7.82 -0.21
N ALA A 107 -11.35 -8.36 -0.22
CA ALA A 107 -10.49 -8.22 -1.38
C ALA A 107 -10.49 -9.53 -2.18
N VAL A 108 -10.73 -9.43 -3.48
CA VAL A 108 -10.78 -10.63 -4.32
C VAL A 108 -9.78 -10.58 -5.45
N ALA A 109 -8.82 -11.50 -5.45
CA ALA A 109 -7.82 -11.65 -6.51
C ALA A 109 -8.43 -12.66 -7.48
N ASP A 110 -8.63 -12.23 -8.72
CA ASP A 110 -9.30 -13.05 -9.70
C ASP A 110 -8.34 -13.65 -10.70
N GLY A 111 -8.01 -14.92 -10.50
CA GLY A 111 -7.08 -15.56 -11.43
C GLY A 111 -7.81 -16.43 -12.43
N SER A 112 -9.12 -16.24 -12.57
CA SER A 112 -9.91 -17.08 -13.47
C SER A 112 -9.53 -17.07 -14.94
N GLN A 113 -8.88 -16.01 -15.43
CA GLN A 113 -8.51 -15.93 -16.85
C GLN A 113 -7.04 -15.88 -17.14
N ILE A 114 -6.26 -16.24 -16.13
CA ILE A 114 -4.81 -16.26 -16.24
C ILE A 114 -4.34 -17.70 -16.43
N ASP A 115 -3.40 -17.90 -17.34
CA ASP A 115 -2.83 -19.23 -17.58
C ASP A 115 -1.75 -19.40 -16.52
N TRP A 116 -2.04 -20.14 -15.45
CA TRP A 116 -1.08 -20.26 -14.36
C TRP A 116 0.16 -21.08 -14.68
N GLN A 117 0.18 -21.69 -15.86
CA GLN A 117 1.34 -22.44 -16.28
C GLN A 117 2.27 -21.59 -17.13
N ALA A 118 1.82 -20.42 -17.56
CA ALA A 118 2.64 -19.52 -18.38
C ALA A 118 3.77 -18.83 -17.58
N THR A 119 4.84 -18.43 -18.27
CA THR A 119 5.97 -17.71 -17.65
C THR A 119 5.97 -16.31 -18.31
N GLY A 120 6.82 -15.40 -17.79
CA GLY A 120 6.86 -14.04 -18.29
C GLY A 120 5.97 -13.18 -17.38
N ASN A 121 5.46 -12.06 -17.89
CA ASN A 121 4.64 -11.18 -17.08
C ASN A 121 3.21 -11.63 -16.93
N LEU A 122 2.69 -11.62 -15.70
CA LEU A 122 1.30 -11.98 -15.51
C LEU A 122 0.73 -10.80 -14.72
N VAL A 123 -0.42 -10.33 -15.15
CA VAL A 123 -1.03 -9.18 -14.50
C VAL A 123 -2.22 -9.72 -13.75
N VAL A 124 -2.15 -9.63 -12.43
CA VAL A 124 -3.17 -10.15 -11.56
C VAL A 124 -4.12 -9.06 -11.13
N PRO A 125 -5.41 -9.22 -11.42
CA PRO A 125 -6.40 -8.21 -11.04
C PRO A 125 -7.00 -8.49 -9.66
N VAL A 126 -7.21 -7.40 -8.92
CA VAL A 126 -7.81 -7.49 -7.60
C VAL A 126 -8.90 -6.43 -7.51
N VAL A 127 -10.01 -6.77 -6.88
CA VAL A 127 -11.05 -5.77 -6.65
C VAL A 127 -11.36 -5.87 -5.14
N ALA A 128 -11.52 -4.73 -4.46
CA ALA A 128 -11.88 -4.79 -3.07
C ALA A 128 -13.28 -4.17 -2.98
N TYR A 129 -14.12 -4.79 -2.15
CA TYR A 129 -15.52 -4.38 -1.94
C TYR A 129 -15.84 -4.03 -0.49
N VAL A 130 -16.87 -3.21 -0.33
CA VAL A 130 -17.41 -2.88 1.01
C VAL A 130 -18.92 -3.02 0.74
N ASP A 131 -19.63 -3.77 1.58
CA ASP A 131 -21.06 -4.02 1.36
C ASP A 131 -21.33 -4.48 -0.09
N ASP A 132 -20.43 -5.31 -0.60
CA ASP A 132 -20.49 -5.90 -1.94
C ASP A 132 -20.29 -4.93 -3.10
N LYS A 133 -19.96 -3.70 -2.80
CA LYS A 133 -19.75 -2.71 -3.87
C LYS A 133 -18.27 -2.41 -4.04
N PRO A 134 -17.81 -2.34 -5.29
CA PRO A 134 -16.39 -2.08 -5.54
C PRO A 134 -15.92 -0.70 -5.08
N VAL A 135 -14.83 -0.64 -4.31
CA VAL A 135 -14.33 0.66 -3.86
C VAL A 135 -12.90 0.88 -4.31
N PHE A 136 -12.33 -0.18 -4.89
CA PHE A 136 -10.91 -0.17 -5.22
C PHE A 136 -10.60 -1.29 -6.18
N ARG A 137 -9.66 -1.03 -7.08
CA ARG A 137 -9.17 -2.06 -8.01
C ARG A 137 -7.66 -1.91 -8.14
N ALA A 138 -7.00 -3.02 -8.39
CA ALA A 138 -5.57 -3.04 -8.60
C ALA A 138 -5.20 -4.11 -9.65
N GLU A 139 -4.05 -3.88 -10.30
CA GLU A 139 -3.43 -4.86 -11.19
C GLU A 139 -1.99 -4.92 -10.70
N ILE A 140 -1.56 -6.09 -10.26
CA ILE A 140 -0.20 -6.28 -9.77
C ILE A 140 0.49 -7.17 -10.80
N THR A 141 1.59 -6.67 -11.31
CA THR A 141 2.33 -7.39 -12.34
C THR A 141 3.41 -8.22 -11.70
N MET A 142 3.32 -9.53 -11.94
CA MET A 142 4.24 -10.54 -11.42
C MET A 142 5.08 -11.07 -12.59
N TYR A 143 6.38 -11.22 -12.38
CA TYR A 143 7.21 -11.81 -13.41
C TYR A 143 7.43 -13.25 -12.92
N VAL A 144 7.01 -14.22 -13.73
CA VAL A 144 7.10 -15.63 -13.36
C VAL A 144 8.17 -16.28 -14.25
N SER A 145 9.08 -17.02 -13.63
CA SER A 145 10.16 -17.66 -14.38
C SER A 145 10.42 -19.06 -13.86
N GLN A 146 11.20 -19.83 -14.62
CA GLN A 146 11.51 -21.19 -14.21
C GLN A 146 12.56 -21.09 -13.10
N ALA A 147 12.42 -21.92 -12.08
CA ALA A 147 13.42 -21.93 -11.02
C ALA A 147 14.69 -22.57 -11.67
N ALA B 1 -3.42 22.72 4.10
CA ALA B 1 -4.70 22.58 4.86
C ALA B 1 -4.50 21.86 6.21
N PHE B 2 -5.60 21.36 6.78
CA PHE B 2 -5.55 20.70 8.08
C PHE B 2 -4.54 19.55 8.21
N MET B 3 -4.57 18.61 7.26
CA MET B 3 -3.62 17.49 7.29
C MET B 3 -2.16 17.99 7.34
N SER B 4 -1.77 18.87 6.43
CA SER B 4 -0.38 19.33 6.43
C SER B 4 -0.08 20.20 7.64
N GLN B 5 -1.04 21.01 8.08
CA GLN B 5 -0.83 21.84 9.27
C GLN B 5 -0.56 20.94 10.48
N MET B 6 -1.29 19.82 10.60
CA MET B 6 -1.07 18.90 11.71
C MET B 6 0.34 18.32 11.61
N MET B 7 0.67 17.79 10.43
CA MET B 7 2.00 17.19 10.28
C MET B 7 3.09 18.18 10.64
N GLN B 8 2.97 19.41 10.15
CA GLN B 8 4.01 20.39 10.41
C GLN B 8 4.09 20.77 11.86
N MET B 9 2.94 21.09 12.44
CA MET B 9 2.89 21.46 13.85
C MET B 9 3.60 20.43 14.74
N TYR B 10 3.33 19.16 14.51
CA TYR B 10 3.95 18.16 15.35
C TYR B 10 5.37 17.75 14.95
N GLN B 11 5.72 17.91 13.68
CA GLN B 11 7.10 17.56 13.28
C GLN B 11 8.00 18.52 14.07
N GLN B 12 7.55 19.75 14.17
CA GLN B 12 8.27 20.77 14.90
C GLN B 12 8.39 20.50 16.39
N VAL B 13 7.45 19.79 17.01
CA VAL B 13 7.61 19.56 18.44
C VAL B 13 8.51 18.40 18.83
N GLY B 14 8.42 17.26 18.13
CA GLY B 14 9.29 16.14 18.48
C GLY B 14 8.84 14.81 17.88
N PRO B 15 9.75 13.81 17.75
CA PRO B 15 9.36 12.50 17.18
C PRO B 15 8.33 11.70 17.93
N ALA B 16 8.51 11.54 19.25
CA ALA B 16 7.54 10.77 20.01
C ALA B 16 6.16 11.45 19.99
N GLN B 17 6.14 12.78 19.99
CA GLN B 17 4.85 13.49 19.95
C GLN B 17 4.25 13.32 18.54
N PHE B 18 5.09 13.43 17.51
CA PHE B 18 4.57 13.28 16.14
C PHE B 18 4.00 11.87 16.00
N SER B 19 4.74 10.88 16.53
CA SER B 19 4.29 9.50 16.45
C SER B 19 2.94 9.29 17.11
N ALA B 20 2.73 9.93 18.26
CA ALA B 20 1.45 9.75 18.97
C ALA B 20 0.33 10.48 18.25
N MET B 21 0.66 11.62 17.67
CA MET B 21 -0.36 12.36 16.96
C MET B 21 -0.81 11.54 15.73
N ILE B 22 0.13 11.04 14.96
CA ILE B 22 -0.31 10.36 13.75
C ILE B 22 -1.09 9.08 14.08
N GLY B 23 -0.73 8.41 15.17
CA GLY B 23 -1.42 7.21 15.59
C GLY B 23 -2.88 7.49 15.90
N GLN B 24 -3.15 8.69 16.39
CA GLN B 24 -4.52 9.05 16.72
C GLN B 24 -5.29 9.69 15.57
N PHE B 25 -4.60 10.54 14.80
CA PHE B 25 -5.32 11.27 13.77
C PHE B 25 -5.26 10.81 12.30
N ALA B 26 -4.38 9.86 11.99
CA ALA B 26 -4.33 9.27 10.60
C ALA B 26 -3.73 7.93 10.98
N PRO B 27 -4.49 7.13 11.75
CA PRO B 27 -4.02 5.85 12.23
C PRO B 27 -3.18 4.91 11.43
N TYR B 28 -3.64 4.55 10.23
CA TYR B 28 -2.87 3.59 9.48
C TYR B 28 -1.43 4.02 9.16
N PHE B 29 -1.15 5.31 9.11
CA PHE B 29 0.22 5.73 8.86
C PHE B 29 1.16 5.28 9.99
N ALA B 30 0.61 5.11 11.19
CA ALA B 30 1.39 4.67 12.35
C ALA B 30 1.96 3.26 12.14
N SER B 31 1.37 2.50 11.24
CA SER B 31 1.84 1.14 10.97
C SER B 31 3.28 1.17 10.45
N ILE B 32 3.75 2.30 9.90
CA ILE B 32 5.17 2.34 9.51
C ILE B 32 6.00 3.28 10.41
N ALA B 33 5.37 3.88 11.43
CA ALA B 33 6.09 4.78 12.38
C ALA B 33 6.94 5.81 11.64
N PRO B 34 6.31 6.62 10.79
CA PRO B 34 7.05 7.62 10.00
C PRO B 34 7.38 8.93 10.72
N GLN B 35 8.28 9.69 10.11
CA GLN B 35 8.62 11.04 10.61
C GLN B 35 8.80 11.89 9.36
N PHE B 36 8.53 13.18 9.46
CA PHE B 36 8.81 14.05 8.31
C PHE B 36 10.18 14.67 8.54
N VAL B 37 10.97 14.74 7.46
CA VAL B 37 12.29 15.40 7.48
C VAL B 37 11.99 16.83 7.01
N GLU B 38 11.15 16.95 6.00
CA GLU B 38 10.79 18.28 5.51
C GLU B 38 9.39 18.31 4.93
N LEU B 39 8.70 19.44 5.10
CA LEU B 39 7.37 19.55 4.53
C LEU B 39 7.10 21.03 4.27
N ARG B 40 6.78 21.37 3.04
CA ARG B 40 6.46 22.73 2.67
C ARG B 40 5.73 22.64 1.33
N PRO B 41 5.13 23.75 0.88
CA PRO B 41 4.43 23.71 -0.40
C PRO B 41 5.47 23.25 -1.45
N GLY B 42 5.09 22.31 -2.31
CA GLY B 42 6.02 21.84 -3.33
C GLY B 42 7.07 20.80 -2.94
N TYR B 43 7.17 20.42 -1.67
CA TYR B 43 8.20 19.42 -1.29
C TYR B 43 7.92 18.65 0.00
N ALA B 44 8.04 17.33 0.00
CA ALA B 44 7.86 16.59 1.25
C ALA B 44 8.89 15.47 1.27
N GLU B 45 9.43 15.25 2.47
CA GLU B 45 10.39 14.18 2.65
C GLU B 45 10.10 13.50 3.97
N VAL B 46 9.92 12.19 3.89
CA VAL B 46 9.59 11.40 5.09
C VAL B 46 10.57 10.25 5.25
N THR B 47 10.72 9.78 6.48
CA THR B 47 11.59 8.64 6.71
C THR B 47 10.82 7.66 7.58
N PHE B 48 11.13 6.36 7.52
CA PHE B 48 10.54 5.44 8.49
C PHE B 48 11.60 4.34 8.73
N PRO B 49 11.63 3.79 9.95
CA PRO B 49 12.64 2.77 10.22
C PRO B 49 12.35 1.34 9.81
N LYS B 50 13.42 0.62 9.47
CA LYS B 50 13.26 -0.79 9.19
C LYS B 50 13.09 -1.44 10.58
N ARG B 51 12.09 -2.30 10.71
CA ARG B 51 11.85 -3.01 11.98
C ARG B 51 11.00 -4.23 11.63
N ARG B 52 10.92 -5.23 12.51
CA ARG B 52 10.16 -6.45 12.19
C ARG B 52 8.76 -6.22 11.61
N GLU B 53 8.03 -5.30 12.22
CA GLU B 53 6.67 -4.95 11.86
C GLU B 53 6.42 -4.50 10.41
N VAL B 54 7.45 -4.00 9.75
CA VAL B 54 7.26 -3.56 8.34
C VAL B 54 7.95 -4.48 7.32
N LEU B 55 8.28 -5.71 7.72
CA LEU B 55 8.95 -6.61 6.79
C LEU B 55 7.99 -7.48 5.98
N ASN B 56 8.54 -8.03 4.89
CA ASN B 56 7.87 -8.98 4.02
C ASN B 56 8.50 -10.35 4.33
N HIS B 57 8.18 -11.35 3.52
CA HIS B 57 8.66 -12.71 3.78
C HIS B 57 10.12 -13.00 3.46
N ILE B 58 10.84 -12.04 2.85
CA ILE B 58 12.26 -12.23 2.65
C ILE B 58 13.04 -11.29 3.58
N GLY B 59 12.36 -10.80 4.61
CA GLY B 59 12.97 -9.94 5.62
C GLY B 59 13.45 -8.58 5.16
N THR B 60 12.85 -8.05 4.10
CA THR B 60 13.21 -6.71 3.66
C THR B 60 11.97 -5.84 3.89
N VAL B 61 12.08 -4.56 3.68
CA VAL B 61 10.93 -3.68 3.93
C VAL B 61 9.83 -3.99 2.92
N HIS B 62 8.63 -4.16 3.46
CA HIS B 62 7.48 -4.55 2.64
C HIS B 62 7.10 -3.52 1.61
N ALA B 63 6.82 -4.02 0.41
CA ALA B 63 6.41 -3.18 -0.72
C ALA B 63 5.29 -2.20 -0.34
N ILE B 64 4.33 -2.69 0.45
CA ILE B 64 3.20 -1.83 0.79
C ILE B 64 3.55 -0.81 1.88
N ALA B 65 4.57 -1.12 2.70
CA ALA B 65 5.03 -0.13 3.71
C ALA B 65 5.66 1.06 2.92
N LEU B 66 6.34 0.76 1.83
CA LEU B 66 6.93 1.78 0.98
C LEU B 66 5.79 2.60 0.36
N CYS B 67 4.73 1.93 -0.07
CA CYS B 67 3.59 2.66 -0.65
C CYS B 67 3.01 3.58 0.40
N ASN B 68 2.94 3.11 1.65
CA ASN B 68 2.39 3.94 2.71
C ASN B 68 3.20 5.24 2.91
N ALA B 69 4.53 5.13 2.85
CA ALA B 69 5.37 6.31 2.99
C ALA B 69 5.10 7.27 1.82
N ALA B 70 4.92 6.70 0.63
CA ALA B 70 4.68 7.52 -0.58
C ALA B 70 3.37 8.26 -0.46
N GLU B 71 2.34 7.56 0.02
CA GLU B 71 1.05 8.17 0.19
C GLU B 71 1.14 9.32 1.21
N LEU B 72 1.91 9.11 2.27
CA LEU B 72 2.05 10.13 3.31
C LEU B 72 2.74 11.38 2.73
N ALA B 73 3.83 11.16 2.00
CA ALA B 73 4.55 12.31 1.43
C ALA B 73 3.72 13.02 0.36
N ALA B 74 3.13 12.26 -0.57
CA ALA B 74 2.41 12.88 -1.66
C ALA B 74 1.16 13.57 -1.20
N GLY B 75 0.41 12.91 -0.32
CA GLY B 75 -0.82 13.48 0.14
C GLY B 75 -0.61 14.72 0.98
N THR B 76 0.35 14.66 1.91
CA THR B 76 0.60 15.81 2.75
C THR B 76 1.13 16.98 1.89
N MET B 77 2.05 16.70 0.97
CA MET B 77 2.51 17.80 0.09
C MET B 77 1.33 18.42 -0.69
N THR B 78 0.44 17.60 -1.23
CA THR B 78 -0.72 18.11 -1.99
C THR B 78 -1.57 19.03 -1.12
N ASP B 79 -1.83 18.57 0.10
CA ASP B 79 -2.61 19.36 1.07
C ASP B 79 -1.93 20.71 1.38
N ALA B 80 -0.62 20.69 1.45
CA ALA B 80 0.15 21.91 1.74
C ALA B 80 0.33 22.84 0.53
N SER B 81 0.12 22.30 -0.68
CA SER B 81 0.40 23.07 -1.88
C SER B 81 -0.74 23.66 -2.70
N ILE B 82 -1.91 23.02 -2.71
CA ILE B 82 -2.98 23.60 -3.53
C ILE B 82 -3.61 24.77 -2.78
N PRO B 83 -4.31 25.66 -3.50
CA PRO B 83 -4.99 26.83 -2.92
C PRO B 83 -5.98 26.36 -1.88
N ALA B 84 -6.16 27.14 -0.81
CA ALA B 84 -7.09 26.78 0.28
C ALA B 84 -8.51 26.51 -0.20
N GLY B 85 -8.89 27.13 -1.32
CA GLY B 85 -10.22 26.93 -1.87
C GLY B 85 -10.36 25.66 -2.71
N HIS B 86 -9.30 24.88 -2.85
CA HIS B 86 -9.39 23.65 -3.65
C HIS B 86 -9.40 22.46 -2.72
N ARG B 87 -9.85 21.32 -3.23
CA ARG B 87 -9.82 20.12 -2.41
C ARG B 87 -9.13 19.03 -3.26
N TRP B 88 -8.61 18.00 -2.60
CA TRP B 88 -7.92 16.94 -3.34
C TRP B 88 -8.36 15.57 -2.84
N ILE B 89 -8.27 14.61 -3.76
CA ILE B 89 -8.59 13.23 -3.42
C ILE B 89 -7.72 12.33 -4.31
N PRO B 90 -7.01 11.36 -3.71
CA PRO B 90 -6.18 10.45 -4.52
C PRO B 90 -7.14 9.59 -5.32
N ARG B 91 -6.83 9.39 -6.60
CA ARG B 91 -7.68 8.55 -7.46
C ARG B 91 -6.93 7.39 -8.07
N GLY B 92 -5.60 7.45 -8.09
CA GLY B 92 -4.87 6.33 -8.62
C GLY B 92 -3.42 6.38 -8.18
N MET B 93 -2.73 5.25 -8.33
CA MET B 93 -1.31 5.21 -7.99
C MET B 93 -0.64 4.11 -8.79
N THR B 94 0.51 4.41 -9.34
CA THR B 94 1.29 3.37 -10.02
C THR B 94 2.64 3.35 -9.34
N VAL B 95 3.12 2.16 -9.00
CA VAL B 95 4.42 2.04 -8.37
C VAL B 95 5.27 0.96 -9.11
N GLU B 96 6.60 1.07 -8.97
CA GLU B 96 7.55 0.08 -9.49
C GLU B 96 8.54 -0.25 -8.39
N TYR B 97 8.81 -1.54 -8.24
CA TYR B 97 9.72 -2.00 -7.22
C TYR B 97 11.08 -2.17 -7.84
N LEU B 98 12.00 -1.27 -7.48
CA LEU B 98 13.31 -1.28 -8.12
C LEU B 98 14.39 -2.18 -7.51
N ALA B 99 14.38 -2.31 -6.19
CA ALA B 99 15.39 -3.11 -5.50
C ALA B 99 14.81 -3.47 -4.14
N LYS B 100 15.40 -4.46 -3.48
CA LYS B 100 14.94 -4.80 -2.13
C LYS B 100 15.32 -3.65 -1.22
N ALA B 101 14.49 -3.36 -0.23
CA ALA B 101 14.72 -2.25 0.70
C ALA B 101 15.25 -2.88 1.98
N THR B 102 16.55 -2.79 2.16
CA THR B 102 17.20 -3.47 3.29
C THR B 102 17.59 -2.65 4.51
N GLY B 103 16.99 -1.48 4.66
CA GLY B 103 17.31 -0.64 5.81
C GLY B 103 16.30 0.48 5.93
N ASP B 104 16.60 1.49 6.76
CA ASP B 104 15.68 2.61 6.93
C ASP B 104 15.44 3.30 5.61
N VAL B 105 14.20 3.71 5.41
CA VAL B 105 13.73 4.33 4.18
C VAL B 105 13.52 5.84 4.24
N ARG B 106 13.85 6.50 3.14
CA ARG B 106 13.66 7.95 2.99
C ARG B 106 12.81 8.10 1.69
N ALA B 107 11.66 8.76 1.78
CA ALA B 107 10.84 8.93 0.59
C ALA B 107 10.74 10.40 0.27
N VAL B 108 10.97 10.75 -0.99
CA VAL B 108 10.96 12.13 -1.41
C VAL B 108 9.89 12.40 -2.45
N ALA B 109 9.07 13.43 -2.20
CA ALA B 109 8.02 13.81 -3.13
C ALA B 109 8.41 15.21 -3.60
N ASP B 110 8.92 15.28 -4.83
CA ASP B 110 9.38 16.57 -5.41
C ASP B 110 8.22 17.20 -6.18
N GLY B 111 7.62 18.25 -5.64
CA GLY B 111 6.48 18.90 -6.29
C GLY B 111 6.87 20.18 -7.02
N SER B 112 8.16 20.38 -7.27
CA SER B 112 8.62 21.61 -7.93
C SER B 112 8.12 21.83 -9.36
N GLN B 113 7.73 20.78 -10.07
CA GLN B 113 7.30 20.88 -11.46
C GLN B 113 5.80 20.89 -11.70
N ILE B 114 5.04 20.70 -10.63
CA ILE B 114 3.58 20.67 -10.70
C ILE B 114 2.96 22.06 -10.64
N ASP B 115 1.91 22.30 -11.44
CA ASP B 115 1.21 23.59 -11.37
C ASP B 115 0.14 23.37 -10.26
N TRP B 116 0.49 23.78 -9.06
CA TRP B 116 -0.37 23.58 -7.90
C TRP B 116 -1.62 24.44 -7.89
N GLN B 117 -1.72 25.37 -8.81
CA GLN B 117 -2.92 26.19 -8.83
C GLN B 117 -3.97 25.60 -9.78
N ALA B 118 -3.57 24.59 -10.55
CA ALA B 118 -4.47 23.96 -11.51
C ALA B 118 -5.46 22.96 -10.89
N THR B 119 -6.66 22.85 -11.48
CA THR B 119 -7.63 21.88 -10.97
C THR B 119 -7.52 20.70 -11.95
N GLY B 120 -8.12 19.57 -11.61
CA GLY B 120 -8.01 18.40 -12.48
C GLY B 120 -7.02 17.42 -11.85
N ASN B 121 -6.45 16.53 -12.67
CA ASN B 121 -5.51 15.53 -12.19
C ASN B 121 -4.11 16.04 -12.11
N LEU B 122 -3.49 15.89 -10.96
CA LEU B 122 -2.08 16.29 -10.78
C LEU B 122 -1.40 14.97 -10.42
N VAL B 123 -0.27 14.68 -11.09
CA VAL B 123 0.44 13.43 -10.83
C VAL B 123 1.68 13.73 -9.98
N VAL B 124 1.63 13.27 -8.74
CA VAL B 124 2.72 13.52 -7.80
C VAL B 124 3.75 12.38 -7.79
N PRO B 125 5.02 12.71 -8.02
CA PRO B 125 6.06 11.67 -8.03
C PRO B 125 6.69 11.46 -6.65
N VAL B 126 7.10 10.23 -6.40
CA VAL B 126 7.77 9.90 -5.15
C VAL B 126 8.88 8.88 -5.46
N VAL B 127 10.05 9.07 -4.87
CA VAL B 127 11.09 8.07 -5.00
C VAL B 127 11.51 7.69 -3.57
N ALA B 128 11.64 6.40 -3.29
CA ALA B 128 12.08 5.98 -1.97
C ALA B 128 13.48 5.41 -2.11
N TYR B 129 14.28 5.71 -1.09
CA TYR B 129 15.67 5.33 -1.01
C TYR B 129 16.02 4.58 0.28
N VAL B 130 17.07 3.77 0.18
CA VAL B 130 17.67 3.11 1.32
C VAL B 130 19.18 3.37 1.12
N ASP B 131 19.83 3.94 2.13
CA ASP B 131 21.27 4.26 2.03
C ASP B 131 21.54 5.07 0.74
N ASP B 132 20.69 6.06 0.50
CA ASP B 132 20.82 6.95 -0.66
C ASP B 132 20.69 6.35 -2.06
N LYS B 133 20.23 5.12 -2.12
CA LYS B 133 20.05 4.46 -3.41
C LYS B 133 18.53 4.25 -3.60
N PRO B 134 18.03 4.47 -4.82
CA PRO B 134 16.59 4.31 -5.12
C PRO B 134 16.17 2.84 -5.13
N VAL B 135 15.08 2.55 -4.42
CA VAL B 135 14.59 1.19 -4.32
C VAL B 135 13.11 1.08 -4.74
N PHE B 136 12.46 2.22 -4.96
CA PHE B 136 11.02 2.25 -5.24
C PHE B 136 10.61 3.59 -5.84
N ARG B 137 9.64 3.55 -6.75
CA ARG B 137 9.09 4.79 -7.35
C ARG B 137 7.58 4.68 -7.39
N ALA B 138 6.91 5.81 -7.23
CA ALA B 138 5.45 5.85 -7.34
C ALA B 138 5.04 7.17 -7.99
N GLU B 139 3.84 7.15 -8.58
CA GLU B 139 3.21 8.35 -9.11
C GLU B 139 1.78 8.23 -8.56
N ILE B 140 1.34 9.22 -7.77
CA ILE B 140 0.01 9.21 -7.19
C ILE B 140 -0.76 10.36 -7.86
N THR B 141 -1.88 10.00 -8.50
CA THR B 141 -2.72 10.94 -9.19
C THR B 141 -3.77 11.46 -8.23
N MET B 142 -3.71 12.77 -8.01
CA MET B 142 -4.62 13.48 -7.14
C MET B 142 -5.64 14.20 -8.00
N TYR B 143 -6.94 14.02 -7.70
CA TYR B 143 -7.95 14.78 -8.46
C TYR B 143 -8.22 16.04 -7.62
N VAL B 144 -7.96 17.21 -8.21
CA VAL B 144 -8.09 18.46 -7.48
C VAL B 144 -9.24 19.24 -8.08
N SER B 145 -10.09 19.75 -7.21
CA SER B 145 -11.24 20.52 -7.67
C SER B 145 -11.52 21.75 -6.79
N GLN B 146 -12.04 22.83 -7.41
CA GLN B 146 -12.40 24.03 -6.66
C GLN B 146 -13.63 23.49 -5.95
N ALA B 147 -13.58 23.47 -4.63
CA ALA B 147 -14.69 22.92 -3.87
C ALA B 147 -14.59 23.29 -2.40
C1 GOL C . 6.44 5.62 -11.63
O1 GOL C . 7.77 5.48 -12.13
C2 GOL C . 5.56 4.42 -12.03
O2 GOL C . 6.37 4.32 -10.86
C3 GOL C . 5.31 3.91 -13.46
O3 GOL C . 4.44 4.78 -14.21
#